data_4ISF
#
_entry.id   4ISF
#
_cell.length_a   49.381
_cell.length_b   77.578
_cell.length_c   119.120
_cell.angle_alpha   90.00
_cell.angle_beta   90.00
_cell.angle_gamma   90.00
#
_symmetry.space_group_name_H-M   'P 21 21 21'
#
loop_
_entity.id
_entity.type
_entity.pdbx_description
1 polymer Glucokinase
2 non-polymer alpha-D-glucopyranose
3 non-polymer (2S)-3-cyclohexyl-2-(6-fluoro-2,4-dioxo-1,4-dihydroquinazolin-3(2H)-yl)-N-(1,3-thiazol-2-yl)propanamide
4 non-polymer 'IODIDE ION'
5 water water
#
_entity_poly.entity_id   1
_entity_poly.type   'polypeptide(L)'
_entity_poly.pdbx_seq_one_letter_code
;MKPMPLTLVEQILAEFQLQEEDLKKVMRRMQKEMDRGLRLETHEEASVKMLPTYVRSTPEGSEVGDFLSLDLGGTNFRVM
LVKVGEGEEGQWSVKTKHQMYSIPEDAMTGTAEMLFDYISECISDFLDKHQMKHKKLPLGFTFSFPVRHEDIDKGILLNW
TKGFKASGAEGNNVVGLLRDAIKRRGDFEMDVVAMVNDTVATMISCYYEDHQCEVGMIVGTGCNACYMEEMQNVELVEGD
EGRMCVNTEWGAFGDSGELDEFLLEYDRLVDESSANPGQQLYEKLIGGKYMGELVRLVLLRLVDENLLFHGEASEQLRTR
GAFETRFVSQVESDTGDRKQIYNILSTLGLRPSTTDCDIVRRACESVSTRAAHMCSAGLAGVINRMRESRSEDVMRITVG
VDGSVYKLHPSFKERFHASVRRLTPSCEITFIESEEGSGRGAALVSAVACKKACMLGQ
;
_entity_poly.pdbx_strand_id   A
#
loop_
_chem_comp.id
_chem_comp.type
_chem_comp.name
_chem_comp.formula
1FX non-polymer (2S)-3-cyclohexyl-2-(6-fluoro-2,4-dioxo-1,4-dihydroquinazolin-3(2H)-yl)-N-(1,3-thiazol-2-yl)propanamide 'C20 H21 F N4 O3 S'
GLC D-saccharide, alpha linking alpha-D-glucopyranose 'C6 H12 O6'
IOD non-polymer 'IODIDE ION' 'I -1'
#
# COMPACT_ATOMS: atom_id res chain seq x y z
N LYS A 2 -2.62 31.33 12.68
CA LYS A 2 -3.94 30.62 12.65
C LYS A 2 -4.98 31.34 13.50
N PRO A 3 -6.25 31.35 13.05
CA PRO A 3 -7.31 31.95 13.88
C PRO A 3 -7.66 31.09 15.09
N MET A 4 -8.29 31.71 16.08
CA MET A 4 -8.87 30.96 17.18
C MET A 4 -10.01 30.12 16.61
N PRO A 5 -9.91 28.78 16.73
CA PRO A 5 -10.93 27.92 16.13
C PRO A 5 -12.23 27.91 16.93
N LEU A 6 -13.33 27.53 16.28
CA LEU A 6 -14.62 27.43 16.96
C LEU A 6 -14.63 26.25 17.93
N THR A 7 -14.96 26.53 19.19
CA THR A 7 -14.93 25.55 20.27
C THR A 7 -15.78 24.32 20.00
N LEU A 8 -17.00 24.53 19.54
CA LEU A 8 -17.94 23.43 19.30
C LEU A 8 -17.46 22.53 18.17
N VAL A 9 -16.86 23.12 17.14
CA VAL A 9 -16.26 22.34 16.04
C VAL A 9 -15.08 21.50 16.55
N GLU A 10 -14.20 22.12 17.33
CA GLU A 10 -13.01 21.44 17.83
C GLU A 10 -13.37 20.27 18.74
N GLN A 11 -14.43 20.43 19.53
CA GLN A 11 -14.93 19.35 20.38
C GLN A 11 -15.26 18.09 19.58
N ILE A 12 -15.96 18.28 18.46
CA ILE A 12 -16.31 17.16 17.59
C ILE A 12 -15.07 16.55 16.93
N LEU A 13 -14.21 17.40 16.39
CA LEU A 13 -12.98 16.93 15.75
C LEU A 13 -11.98 16.31 16.73
N ALA A 14 -12.02 16.72 17.99
CA ALA A 14 -11.12 16.16 19.01
C ALA A 14 -11.38 14.68 19.31
N GLU A 15 -12.54 14.16 18.91
CA GLU A 15 -12.85 12.74 19.04
C GLU A 15 -11.92 11.84 18.22
N PHE A 16 -11.32 12.41 17.16
CA PHE A 16 -10.36 11.67 16.35
C PHE A 16 -9.00 11.55 17.00
N GLN A 17 -8.76 12.30 18.07
CA GLN A 17 -7.45 12.32 18.68
C GLN A 17 -7.09 10.96 19.27
N LEU A 18 -5.83 10.59 19.08
CA LEU A 18 -5.25 9.43 19.74
C LEU A 18 -3.98 9.85 20.44
N GLN A 19 -3.91 9.62 21.75
CA GLN A 19 -2.72 9.96 22.53
C GLN A 19 -1.72 8.83 22.42
N GLU A 20 -0.52 9.04 22.94
CA GLU A 20 0.54 8.05 22.82
C GLU A 20 0.16 6.73 23.49
N GLU A 21 -0.48 6.79 24.66
CA GLU A 21 -0.89 5.56 25.34
C GLU A 21 -1.96 4.79 24.56
N ASP A 22 -2.78 5.49 23.77
CA ASP A 22 -3.76 4.82 22.92
C ASP A 22 -3.03 4.03 21.86
N LEU A 23 -2.03 4.65 21.25
CA LEU A 23 -1.31 4.03 20.15
C LEU A 23 -0.47 2.86 20.64
N LYS A 24 0.14 3.02 21.81
CA LYS A 24 0.86 1.91 22.43
C LYS A 24 -0.05 0.74 22.76
N LYS A 25 -1.28 1.04 23.20
CA LYS A 25 -2.29 0.02 23.38
C LYS A 25 -2.60 -0.67 22.04
N VAL A 26 -2.82 0.11 21.00
CA VAL A 26 -3.11 -0.47 19.68
C VAL A 26 -1.93 -1.32 19.20
N MET A 27 -0.72 -0.77 19.38
CA MET A 27 0.52 -1.42 18.95
C MET A 27 0.70 -2.79 19.60
N ARG A 28 0.45 -2.86 20.90
CA ARG A 28 0.57 -4.10 21.65
C ARG A 28 -0.48 -5.12 21.22
N ARG A 29 -1.70 -4.66 20.95
CA ARG A 29 -2.72 -5.55 20.41
C ARG A 29 -2.34 -6.11 19.04
N MET A 30 -1.77 -5.26 18.17
CA MET A 30 -1.29 -5.71 16.87
C MET A 30 -0.18 -6.75 17.01
N GLN A 31 0.77 -6.49 17.91
CA GLN A 31 1.87 -7.41 18.16
C GLN A 31 1.36 -8.78 18.60
N LYS A 32 0.32 -8.82 19.43
CA LYS A 32 -0.25 -10.10 19.84
C LYS A 32 -0.89 -10.82 18.66
N GLU A 33 -1.56 -10.09 17.78
CA GLU A 33 -2.13 -10.70 16.58
C GLU A 33 -1.07 -11.17 15.59
N MET A 34 0.05 -10.43 15.49
CA MET A 34 1.16 -10.88 14.69
C MET A 34 1.75 -12.17 15.23
N ASP A 35 1.94 -12.24 16.55
CA ASP A 35 2.36 -13.48 17.23
C ASP A 35 1.45 -14.64 16.89
N ARG A 36 0.15 -14.42 17.02
CA ARG A 36 -0.83 -15.47 16.74
C ARG A 36 -0.78 -15.91 15.28
N GLY A 37 -0.49 -14.97 14.37
CA GLY A 37 -0.37 -15.28 12.95
C GLY A 37 0.83 -16.14 12.60
N LEU A 38 1.92 -15.95 13.33
CA LEU A 38 3.17 -16.64 13.05
C LEU A 38 3.22 -18.05 13.63
N ARG A 39 2.39 -18.32 14.63
CA ARG A 39 2.45 -19.61 15.33
C ARG A 39 1.65 -20.68 14.61
N LEU A 40 2.23 -21.87 14.52
CA LEU A 40 1.53 -23.02 13.92
C LEU A 40 0.17 -23.25 14.58
N GLU A 41 0.14 -23.17 15.90
CA GLU A 41 -1.02 -23.57 16.71
C GLU A 41 -2.21 -22.65 16.53
N THR A 42 -1.95 -21.38 16.24
CA THR A 42 -2.98 -20.35 16.20
C THR A 42 -3.15 -19.67 14.84
N HIS A 43 -2.27 -19.97 13.88
CA HIS A 43 -2.29 -19.30 12.57
C HIS A 43 -3.63 -19.44 11.86
N GLU A 44 -4.19 -20.64 11.93
CA GLU A 44 -5.45 -20.97 11.26
C GLU A 44 -6.58 -20.03 11.69
N GLU A 45 -6.64 -19.74 13.00
CA GLU A 45 -7.66 -18.87 13.57
C GLU A 45 -7.21 -17.42 13.65
N ALA A 46 -5.96 -17.13 13.31
CA ALA A 46 -5.43 -15.77 13.40
C ALA A 46 -6.05 -14.88 12.32
N SER A 47 -6.50 -13.70 12.72
CA SER A 47 -7.03 -12.72 11.77
C SER A 47 -5.90 -12.06 10.97
N VAL A 48 -4.77 -11.78 11.63
CA VAL A 48 -3.59 -11.23 10.96
C VAL A 48 -2.71 -12.42 10.57
N LYS A 49 -2.67 -12.73 9.28
CA LYS A 49 -2.20 -14.04 8.82
C LYS A 49 -0.68 -14.21 8.78
N MET A 50 0.08 -13.13 8.71
CA MET A 50 1.54 -13.24 8.74
C MET A 50 2.05 -14.30 7.73
N LEU A 51 1.58 -14.15 6.50
CA LEU A 51 1.82 -15.13 5.44
C LEU A 51 3.30 -15.23 5.09
N PRO A 52 3.87 -16.44 5.17
CA PRO A 52 5.21 -16.58 4.61
C PRO A 52 5.20 -16.25 3.11
N THR A 53 6.13 -15.41 2.68
CA THR A 53 6.23 -15.04 1.28
C THR A 53 7.20 -15.95 0.54
N TYR A 54 8.01 -16.71 1.28
CA TYR A 54 9.12 -17.49 0.72
C TYR A 54 10.20 -16.62 0.06
N VAL A 55 10.17 -15.32 0.34
CA VAL A 55 11.23 -14.43 -0.05
C VAL A 55 12.23 -14.45 1.10
N ARG A 56 13.32 -15.18 0.91
CA ARG A 56 14.29 -15.46 1.96
C ARG A 56 15.48 -14.51 1.89
N SER A 57 16.18 -14.38 3.02
CA SER A 57 17.36 -13.53 3.14
C SER A 57 18.58 -14.15 2.44
N THR A 58 18.51 -15.45 2.14
CA THR A 58 19.54 -16.13 1.35
C THR A 58 18.86 -16.85 0.17
N PRO A 59 19.22 -16.46 -1.06
CA PRO A 59 18.60 -17.06 -2.24
C PRO A 59 19.35 -18.31 -2.74
N SER A 62 16.01 -20.84 -6.75
CA SER A 62 17.49 -20.58 -6.71
C SER A 62 17.98 -20.08 -8.08
N GLU A 63 19.04 -20.69 -8.64
CA GLU A 63 19.66 -20.15 -9.86
C GLU A 63 18.79 -20.27 -11.13
N VAL A 64 18.09 -19.16 -11.45
CA VAL A 64 17.54 -18.93 -12.77
C VAL A 64 18.39 -17.83 -13.44
N GLY A 65 18.63 -17.97 -14.73
CA GLY A 65 19.48 -17.03 -15.46
C GLY A 65 18.70 -15.85 -16.00
N ASP A 66 18.45 -15.87 -17.30
CA ASP A 66 17.73 -14.77 -17.95
C ASP A 66 16.24 -14.82 -17.57
N PHE A 67 15.63 -13.65 -17.52
CA PHE A 67 14.20 -13.58 -17.35
C PHE A 67 13.66 -12.28 -17.93
N LEU A 68 12.35 -12.24 -18.11
CA LEU A 68 11.70 -11.06 -18.60
C LEU A 68 11.03 -10.31 -17.46
N SER A 69 11.10 -8.99 -17.52
CA SER A 69 10.31 -8.14 -16.64
C SER A 69 9.41 -7.29 -17.51
N LEU A 70 8.12 -7.29 -17.19
CA LEU A 70 7.12 -6.56 -17.95
C LEU A 70 6.49 -5.50 -17.06
N ASP A 71 6.87 -4.24 -17.30
CA ASP A 71 6.35 -3.13 -16.51
C ASP A 71 5.16 -2.51 -17.21
N LEU A 72 3.99 -2.58 -16.57
CA LEU A 72 2.78 -1.97 -17.10
C LEU A 72 2.63 -0.56 -16.56
N GLY A 73 2.60 0.41 -17.47
CA GLY A 73 2.28 1.79 -17.12
C GLY A 73 0.82 2.08 -17.38
N GLY A 74 0.48 3.35 -17.58
CA GLY A 74 -0.90 3.75 -17.85
C GLY A 74 -1.34 3.34 -19.23
N THR A 75 -0.63 3.85 -20.24
CA THR A 75 -0.95 3.63 -21.65
C THR A 75 0.28 3.12 -22.43
N ASN A 76 1.27 2.66 -21.68
CA ASN A 76 2.52 2.12 -22.23
C ASN A 76 2.90 0.90 -21.43
N PHE A 77 3.84 0.12 -21.95
CA PHE A 77 4.48 -0.91 -21.15
C PHE A 77 5.93 -1.14 -21.58
N ARG A 78 6.71 -1.70 -20.67
CA ARG A 78 8.11 -1.96 -20.91
C ARG A 78 8.36 -3.46 -20.85
N VAL A 79 9.03 -3.97 -21.87
CA VAL A 79 9.52 -5.34 -21.87
C VAL A 79 11.00 -5.25 -21.60
N MET A 80 11.48 -6.03 -20.64
CA MET A 80 12.88 -5.96 -20.25
C MET A 80 13.45 -7.38 -20.10
N LEU A 81 14.61 -7.59 -20.70
CA LEU A 81 15.35 -8.82 -20.54
C LEU A 81 16.39 -8.54 -19.46
N VAL A 82 16.44 -9.42 -18.47
CA VAL A 82 17.27 -9.19 -17.28
C VAL A 82 18.15 -10.39 -17.02
N LYS A 83 19.34 -10.13 -16.53
CA LYS A 83 20.24 -11.18 -16.07
C LYS A 83 20.84 -10.67 -14.78
N VAL A 84 20.57 -11.37 -13.68
CA VAL A 84 21.12 -10.99 -12.38
C VAL A 84 22.34 -11.85 -12.10
N GLY A 85 23.46 -11.20 -11.84
CA GLY A 85 24.72 -11.88 -11.55
C GLY A 85 25.19 -11.57 -10.15
N GLU A 86 25.99 -12.48 -9.59
CA GLU A 86 26.54 -12.31 -8.24
C GLU A 86 27.68 -11.30 -8.26
N GLN A 91 26.39 -8.69 -3.41
CA GLN A 91 26.55 -7.79 -4.59
C GLN A 91 25.92 -8.41 -5.85
N TRP A 92 24.68 -8.02 -6.14
CA TRP A 92 23.98 -8.47 -7.33
C TRP A 92 24.01 -7.37 -8.40
N SER A 93 24.47 -7.72 -9.60
CA SER A 93 24.41 -6.83 -10.74
C SER A 93 23.12 -7.11 -11.49
N VAL A 94 22.38 -6.06 -11.87
CA VAL A 94 21.15 -6.22 -12.64
C VAL A 94 21.41 -5.74 -14.07
N LYS A 95 21.73 -6.69 -14.95
CA LYS A 95 22.00 -6.38 -16.34
C LYS A 95 20.70 -6.37 -17.14
N THR A 96 20.48 -5.34 -17.94
CA THR A 96 19.21 -5.21 -18.67
C THR A 96 19.33 -4.71 -20.09
N LYS A 97 18.35 -5.10 -20.91
CA LYS A 97 18.03 -4.43 -22.16
C LYS A 97 16.52 -4.41 -22.26
N HIS A 98 15.98 -3.35 -22.82
CA HIS A 98 14.54 -3.15 -22.75
C HIS A 98 13.98 -2.42 -23.95
N GLN A 99 12.66 -2.34 -23.98
CA GLN A 99 11.93 -1.64 -25.03
C GLN A 99 10.57 -1.16 -24.51
N MET A 100 10.30 0.14 -24.62
CA MET A 100 8.97 0.68 -24.35
C MET A 100 8.07 0.40 -25.55
N TYR A 101 6.82 0.02 -25.29
CA TYR A 101 5.82 -0.07 -26.35
C TYR A 101 4.63 0.79 -26.00
N SER A 102 4.06 1.42 -27.01
CA SER A 102 2.82 2.16 -26.85
C SER A 102 1.66 1.27 -27.27
N ILE A 103 0.57 1.35 -26.53
CA ILE A 103 -0.60 0.55 -26.84
C ILE A 103 -1.50 1.37 -27.77
N PRO A 104 -1.76 0.87 -29.00
CA PRO A 104 -2.66 1.61 -29.88
C PRO A 104 -4.10 1.58 -29.36
N GLU A 105 -4.95 2.44 -29.90
CA GLU A 105 -6.28 2.67 -29.34
C GLU A 105 -7.11 1.39 -29.34
N ASP A 106 -7.15 0.71 -30.48
CA ASP A 106 -7.92 -0.53 -30.61
C ASP A 106 -7.53 -1.57 -29.56
N ALA A 107 -6.23 -1.75 -29.35
CA ALA A 107 -5.72 -2.70 -28.36
C ALA A 107 -6.21 -2.36 -26.95
N MET A 108 -6.19 -1.08 -26.59
CA MET A 108 -6.63 -0.64 -25.26
C MET A 108 -8.14 -0.32 -25.15
N THR A 109 -8.87 -0.38 -26.26
CA THR A 109 -10.33 -0.21 -26.22
C THR A 109 -11.10 -1.51 -26.52
N GLY A 110 -10.38 -2.60 -26.82
CA GLY A 110 -11.01 -3.90 -27.04
C GLY A 110 -11.14 -4.68 -25.75
N THR A 111 -11.23 -6.00 -25.87
CA THR A 111 -11.27 -6.88 -24.70
C THR A 111 -9.88 -6.99 -24.08
N ALA A 112 -9.83 -7.49 -22.85
CA ALA A 112 -8.55 -7.75 -22.20
C ALA A 112 -7.72 -8.77 -22.98
N GLU A 113 -8.40 -9.73 -23.63
CA GLU A 113 -7.71 -10.74 -24.47
C GLU A 113 -7.00 -10.08 -25.64
N MET A 114 -7.70 -9.19 -26.32
CA MET A 114 -7.13 -8.47 -27.47
C MET A 114 -5.96 -7.62 -27.01
N LEU A 115 -6.10 -6.97 -25.85
CA LEU A 115 -5.00 -6.18 -25.31
C LEU A 115 -3.78 -7.07 -25.08
N PHE A 116 -3.98 -8.23 -24.47
CA PHE A 116 -2.85 -9.11 -24.17
C PHE A 116 -2.33 -9.93 -25.34
N ASP A 117 -3.15 -10.08 -26.38
CA ASP A 117 -2.65 -10.54 -27.67
C ASP A 117 -1.63 -9.53 -28.21
N TYR A 118 -1.93 -8.24 -28.09
CA TYR A 118 -0.98 -7.21 -28.52
C TYR A 118 0.29 -7.24 -27.67
N ILE A 119 0.16 -7.29 -26.35
CA ILE A 119 1.30 -7.37 -25.46
C ILE A 119 2.17 -8.60 -25.81
N SER A 120 1.53 -9.74 -26.03
CA SER A 120 2.23 -10.95 -26.46
C SER A 120 2.95 -10.78 -27.80
N GLU A 121 2.36 -10.05 -28.73
CA GLU A 121 3.03 -9.78 -30.00
C GLU A 121 4.28 -8.95 -29.80
N CYS A 122 4.20 -7.95 -28.93
CA CYS A 122 5.35 -7.10 -28.61
C CYS A 122 6.48 -7.90 -27.97
N ILE A 123 6.12 -8.79 -27.05
CA ILE A 123 7.09 -9.69 -26.43
C ILE A 123 7.75 -10.59 -27.46
N SER A 124 6.95 -11.12 -28.38
CA SER A 124 7.46 -11.94 -29.47
C SER A 124 8.47 -11.12 -30.26
N ASP A 125 8.07 -9.92 -30.66
CA ASP A 125 8.95 -9.01 -31.42
C ASP A 125 10.24 -8.73 -30.66
N PHE A 126 10.13 -8.49 -29.36
CA PHE A 126 11.28 -8.21 -28.49
C PHE A 126 12.22 -9.42 -28.44
N LEU A 127 11.66 -10.61 -28.22
CA LEU A 127 12.45 -11.85 -28.20
C LEU A 127 13.14 -12.11 -29.53
N ASP A 128 12.44 -11.87 -30.63
CA ASP A 128 13.04 -11.92 -31.97
C ASP A 128 14.22 -10.97 -32.08
N LYS A 129 14.00 -9.73 -31.66
CA LYS A 129 15.02 -8.69 -31.73
C LYS A 129 16.29 -9.12 -31.00
N HIS A 130 16.12 -9.78 -29.85
CA HIS A 130 17.26 -10.19 -29.03
C HIS A 130 17.59 -11.69 -29.18
N GLN A 131 16.94 -12.33 -30.15
CA GLN A 131 17.23 -13.71 -30.53
C GLN A 131 17.19 -14.63 -29.30
N MET A 132 16.08 -14.58 -28.58
CA MET A 132 15.94 -15.32 -27.34
C MET A 132 14.80 -16.34 -27.40
N LYS A 133 14.26 -16.56 -28.60
CA LYS A 133 13.14 -17.49 -28.82
C LYS A 133 13.49 -18.94 -28.47
N HIS A 134 14.78 -19.26 -28.45
CA HIS A 134 15.25 -20.60 -28.08
C HIS A 134 15.06 -20.98 -26.61
N LYS A 135 14.80 -20.00 -25.75
CA LYS A 135 14.64 -20.22 -24.32
C LYS A 135 13.19 -20.10 -23.88
N LYS A 136 12.78 -20.94 -22.94
CA LYS A 136 11.54 -20.68 -22.20
C LYS A 136 11.91 -19.78 -21.02
N LEU A 137 11.64 -18.48 -21.15
CA LEU A 137 12.00 -17.51 -20.12
C LEU A 137 10.87 -17.36 -19.13
N PRO A 138 11.20 -17.28 -17.83
CA PRO A 138 10.18 -16.81 -16.92
C PRO A 138 9.98 -15.30 -17.09
N LEU A 139 8.75 -14.86 -16.88
CA LEU A 139 8.41 -13.45 -16.95
C LEU A 139 7.68 -13.06 -15.68
N GLY A 140 8.06 -11.92 -15.10
CA GLY A 140 7.34 -11.30 -13.99
C GLY A 140 6.79 -9.93 -14.36
N PHE A 141 5.66 -9.59 -13.75
CA PHE A 141 5.01 -8.30 -13.91
C PHE A 141 5.43 -7.33 -12.83
N THR A 142 5.57 -6.07 -13.20
CA THR A 142 5.67 -4.97 -12.25
C THR A 142 4.75 -3.85 -12.73
N PHE A 143 4.36 -2.97 -11.82
CA PHE A 143 3.44 -1.89 -12.14
C PHE A 143 4.06 -0.53 -11.92
N SER A 144 3.97 0.35 -12.93
CA SER A 144 4.39 1.75 -12.80
C SER A 144 3.25 2.66 -13.23
N PHE A 145 2.09 2.51 -12.59
CA PHE A 145 0.96 3.39 -12.86
C PHE A 145 1.22 4.75 -12.22
N PRO A 146 0.83 5.83 -12.91
CA PRO A 146 0.87 7.11 -12.20
C PRO A 146 0.04 6.97 -10.93
N VAL A 147 0.61 7.36 -9.79
CA VAL A 147 -0.06 7.21 -8.50
C VAL A 147 -1.27 8.15 -8.44
N ARG A 148 -2.41 7.59 -8.02
CA ARG A 148 -3.67 8.32 -7.98
C ARG A 148 -4.67 7.64 -7.03
N HIS A 149 -5.47 8.45 -6.34
CA HIS A 149 -6.38 7.95 -5.30
C HIS A 149 -7.50 7.09 -5.88
N ASN A 173 -7.23 -11.21 -14.16
CA ASN A 173 -5.92 -10.65 -13.73
C ASN A 173 -4.85 -10.81 -14.81
N VAL A 174 -3.77 -10.02 -14.68
CA VAL A 174 -2.77 -9.88 -15.74
C VAL A 174 -1.94 -11.13 -16.01
N VAL A 175 -1.64 -11.91 -14.99
CA VAL A 175 -0.94 -13.18 -15.14
C VAL A 175 -1.73 -14.10 -16.07
N GLY A 176 -3.00 -14.29 -15.74
CA GLY A 176 -3.87 -15.17 -16.51
C GLY A 176 -4.06 -14.69 -17.92
N LEU A 177 -4.28 -13.39 -18.08
CA LEU A 177 -4.42 -12.80 -19.41
C LEU A 177 -3.20 -13.07 -20.29
N LEU A 178 -2.01 -12.87 -19.73
CA LEU A 178 -0.79 -13.08 -20.51
C LEU A 178 -0.58 -14.57 -20.77
N ARG A 179 -0.73 -15.40 -19.74
CA ARG A 179 -0.67 -16.85 -19.93
C ARG A 179 -1.56 -17.33 -21.07
N ASP A 180 -2.83 -16.91 -21.04
CA ASP A 180 -3.76 -17.29 -22.11
C ASP A 180 -3.30 -16.79 -23.46
N ALA A 181 -2.84 -15.54 -23.52
CA ALA A 181 -2.44 -14.94 -24.79
C ALA A 181 -1.21 -15.63 -25.38
N ILE A 182 -0.28 -16.04 -24.53
CA ILE A 182 0.89 -16.81 -24.97
C ILE A 182 0.45 -18.15 -25.56
N LYS A 183 -0.39 -18.87 -24.81
CA LYS A 183 -1.05 -20.09 -25.30
C LYS A 183 -1.68 -19.91 -26.68
N ARG A 184 -2.37 -18.78 -26.85
CA ARG A 184 -3.11 -18.50 -28.10
C ARG A 184 -2.12 -18.39 -29.28
N ARG A 185 -1.00 -17.73 -29.05
CA ARG A 185 0.03 -17.58 -30.08
C ARG A 185 0.61 -18.93 -30.50
N GLY A 186 0.99 -19.73 -29.51
CA GLY A 186 1.43 -21.11 -29.72
C GLY A 186 2.72 -21.28 -30.50
N ASP A 187 3.55 -20.24 -30.51
CA ASP A 187 4.79 -20.21 -31.29
C ASP A 187 6.05 -20.21 -30.42
N PHE A 188 5.99 -19.55 -29.26
CA PHE A 188 7.07 -19.59 -28.27
C PHE A 188 6.50 -19.84 -26.87
N GLU A 189 7.30 -20.44 -26.00
CA GLU A 189 6.89 -20.70 -24.62
C GLU A 189 7.54 -19.72 -23.65
N MET A 190 6.85 -19.49 -22.55
CA MET A 190 7.26 -18.54 -21.54
C MET A 190 6.42 -18.81 -20.29
N ASP A 191 7.06 -18.81 -19.13
CA ASP A 191 6.38 -19.02 -17.86
C ASP A 191 6.10 -17.69 -17.20
N VAL A 192 4.83 -17.33 -17.07
CA VAL A 192 4.48 -16.12 -16.33
C VAL A 192 4.44 -16.51 -14.85
N VAL A 193 5.25 -15.85 -14.04
CA VAL A 193 5.37 -16.22 -12.63
C VAL A 193 4.36 -15.42 -11.82
N ALA A 194 3.99 -15.97 -10.66
CA ALA A 194 3.08 -15.29 -9.75
C ALA A 194 3.71 -13.99 -9.31
N MET A 195 2.90 -12.94 -9.23
CA MET A 195 3.39 -11.68 -8.72
C MET A 195 3.54 -11.80 -7.22
N VAL A 196 4.42 -10.99 -6.67
CA VAL A 196 4.49 -10.85 -5.22
C VAL A 196 3.49 -9.79 -4.81
N ASN A 197 3.10 -9.84 -3.55
CA ASN A 197 2.27 -8.82 -2.93
C ASN A 197 2.91 -7.44 -3.11
N ASP A 198 2.08 -6.40 -3.23
CA ASP A 198 2.62 -5.05 -3.43
C ASP A 198 3.57 -4.58 -2.31
N THR A 199 3.36 -4.98 -1.05
CA THR A 199 4.31 -4.60 0.03
C THR A 199 5.69 -5.20 -0.21
N VAL A 200 5.70 -6.45 -0.66
CA VAL A 200 6.93 -7.18 -0.90
C VAL A 200 7.70 -6.54 -2.06
N ALA A 201 6.97 -6.23 -3.14
CA ALA A 201 7.56 -5.54 -4.29
C ALA A 201 8.18 -4.22 -3.87
N THR A 202 7.48 -3.52 -2.97
CA THR A 202 7.95 -2.25 -2.45
C THR A 202 9.25 -2.43 -1.66
N MET A 203 9.27 -3.44 -0.80
CA MET A 203 10.45 -3.76 -0.01
C MET A 203 11.65 -4.11 -0.89
N ILE A 204 11.42 -4.96 -1.89
CA ILE A 204 12.49 -5.42 -2.78
C ILE A 204 13.02 -4.26 -3.62
N SER A 205 12.08 -3.49 -4.18
CA SER A 205 12.41 -2.34 -5.02
C SER A 205 13.24 -1.33 -4.23
N CYS A 206 12.82 -1.05 -3.00
CA CYS A 206 13.56 -0.15 -2.12
C CYS A 206 14.88 -0.74 -1.65
N TYR A 207 14.90 -2.05 -1.39
CA TYR A 207 16.14 -2.74 -1.01
C TYR A 207 17.22 -2.57 -2.07
N TYR A 208 16.83 -2.62 -3.34
CA TYR A 208 17.78 -2.36 -4.41
C TYR A 208 18.56 -1.05 -4.18
N GLU A 209 17.89 -0.02 -3.69
CA GLU A 209 18.52 1.29 -3.48
C GLU A 209 19.23 1.35 -2.13
N ASP A 210 18.71 0.63 -1.15
CA ASP A 210 19.20 0.70 0.22
C ASP A 210 19.10 -0.67 0.87
N HIS A 211 20.25 -1.31 1.10
CA HIS A 211 20.30 -2.70 1.56
C HIS A 211 19.87 -2.91 3.01
N GLN A 212 19.56 -1.82 3.71
CA GLN A 212 19.00 -1.91 5.05
C GLN A 212 17.47 -1.93 5.03
N CYS A 213 16.87 -1.91 3.84
CA CYS A 213 15.41 -1.98 3.74
C CYS A 213 14.94 -3.42 3.97
N GLU A 214 14.27 -3.64 5.09
CA GLU A 214 13.73 -4.96 5.41
C GLU A 214 12.24 -4.87 5.80
N VAL A 215 11.62 -3.76 5.44
CA VAL A 215 10.19 -3.57 5.65
C VAL A 215 9.63 -2.91 4.40
N GLY A 216 8.46 -3.36 4.00
CA GLY A 216 7.70 -2.78 2.89
C GLY A 216 6.31 -2.43 3.37
N MET A 217 5.88 -1.19 3.10
CA MET A 217 4.57 -0.71 3.54
C MET A 217 3.81 -0.11 2.38
N ILE A 218 2.50 -0.35 2.34
CA ILE A 218 1.62 0.29 1.40
C ILE A 218 0.54 1.04 2.17
N VAL A 219 0.43 2.33 1.93
CA VAL A 219 -0.71 3.10 2.41
C VAL A 219 -1.35 3.71 1.18
N GLY A 220 -2.29 2.97 0.60
CA GLY A 220 -3.04 3.41 -0.58
C GLY A 220 -4.51 3.26 -0.29
N THR A 221 -5.23 2.72 -1.27
CA THR A 221 -6.64 2.37 -1.11
C THR A 221 -6.77 1.38 0.05
N GLY A 222 -5.85 0.43 0.11
CA GLY A 222 -5.68 -0.44 1.27
C GLY A 222 -4.40 -0.11 2.02
N CYS A 223 -4.17 -0.81 3.12
CA CYS A 223 -2.97 -0.64 3.92
C CYS A 223 -2.45 -1.98 4.39
N ASN A 224 -1.15 -2.20 4.20
CA ASN A 224 -0.50 -3.46 4.55
C ASN A 224 1.01 -3.24 4.74
N ALA A 225 1.66 -4.24 5.31
CA ALA A 225 3.10 -4.20 5.50
C ALA A 225 3.67 -5.59 5.46
N CYS A 226 4.88 -5.71 4.94
CA CYS A 226 5.65 -6.92 5.06
C CYS A 226 6.97 -6.58 5.71
N TYR A 227 7.63 -7.58 6.26
CA TYR A 227 8.93 -7.38 6.89
C TYR A 227 9.72 -8.69 6.99
N MET A 228 11.04 -8.56 7.13
CA MET A 228 11.92 -9.72 7.24
C MET A 228 11.91 -10.27 8.67
N GLU A 229 11.18 -11.35 8.87
CA GLU A 229 11.07 -12.03 10.17
C GLU A 229 12.18 -13.06 10.33
N GLU A 230 12.55 -13.33 11.58
CA GLU A 230 13.51 -14.40 11.88
C GLU A 230 12.85 -15.73 11.55
N MET A 231 13.59 -16.59 10.86
CA MET A 231 13.05 -17.88 10.44
C MET A 231 12.57 -18.74 11.62
N GLN A 232 13.24 -18.63 12.77
CA GLN A 232 12.75 -19.33 13.97
C GLN A 232 11.34 -18.88 14.37
N ASN A 233 10.98 -17.62 14.10
CA ASN A 233 9.65 -17.11 14.38
C ASN A 233 8.61 -17.43 13.30
N VAL A 234 9.07 -17.78 12.10
CA VAL A 234 8.15 -18.20 11.04
C VAL A 234 7.92 -19.71 11.21
N GLU A 235 7.01 -20.07 12.10
CA GLU A 235 6.78 -21.48 12.42
C GLU A 235 6.17 -22.27 11.25
N LEU A 236 5.51 -21.57 10.34
CA LEU A 236 4.91 -22.21 9.16
C LEU A 236 5.96 -22.72 8.16
N VAL A 237 7.22 -22.34 8.35
CA VAL A 237 8.29 -22.84 7.49
C VAL A 237 9.43 -23.36 8.36
N GLU A 238 9.76 -24.64 8.18
CA GLU A 238 10.78 -25.26 9.02
C GLU A 238 12.15 -24.65 8.72
N GLY A 239 12.95 -24.51 9.77
CA GLY A 239 14.26 -23.87 9.68
C GLY A 239 14.30 -22.67 10.59
N ASP A 240 15.44 -22.43 11.23
CA ASP A 240 15.61 -21.29 12.12
C ASP A 240 16.80 -20.41 11.72
N GLU A 241 17.30 -20.59 10.51
CA GLU A 241 18.44 -19.82 10.02
C GLU A 241 17.96 -18.76 9.04
N GLY A 242 18.55 -17.57 9.14
CA GLY A 242 18.21 -16.47 8.25
C GLY A 242 16.86 -15.87 8.53
N ARG A 243 16.33 -15.17 7.53
CA ARG A 243 15.07 -14.47 7.66
C ARG A 243 14.19 -14.77 6.46
N MET A 244 12.89 -14.54 6.61
CA MET A 244 11.98 -14.63 5.50
C MET A 244 10.97 -13.51 5.60
N CYS A 245 10.63 -12.96 4.45
CA CYS A 245 9.65 -11.91 4.38
C CYS A 245 8.28 -12.47 4.76
N VAL A 246 7.59 -11.74 5.63
CA VAL A 246 6.27 -12.11 6.08
C VAL A 246 5.33 -10.99 5.69
N ASN A 247 4.26 -11.38 5.00
CA ASN A 247 3.21 -10.49 4.58
C ASN A 247 2.13 -10.46 5.66
N THR A 248 2.08 -9.39 6.44
CA THR A 248 1.22 -9.35 7.62
C THR A 248 -0.25 -9.50 7.26
N GLU A 249 -0.64 -8.90 6.13
CA GLU A 249 -2.04 -8.68 5.79
C GLU A 249 -2.76 -8.10 7.00
N TRP A 250 -2.14 -7.09 7.61
CA TRP A 250 -2.62 -6.55 8.87
C TRP A 250 -3.91 -5.75 8.78
N GLY A 251 -4.40 -5.55 7.56
CA GLY A 251 -5.68 -4.89 7.33
C GLY A 251 -6.83 -5.56 8.05
N ALA A 252 -6.73 -6.86 8.26
CA ALA A 252 -7.79 -7.66 8.89
C ALA A 252 -7.84 -7.51 10.41
N PHE A 253 -6.83 -6.88 11.01
CA PHE A 253 -6.79 -6.57 12.44
C PHE A 253 -8.08 -5.85 12.85
N GLY A 254 -8.62 -6.22 14.01
CA GLY A 254 -9.82 -5.57 14.52
C GLY A 254 -11.09 -6.39 14.59
N ASP A 255 -11.12 -7.55 13.93
CA ASP A 255 -12.37 -8.30 13.86
C ASP A 255 -12.70 -9.08 15.14
N SER A 256 -11.80 -9.02 16.13
CA SER A 256 -12.10 -9.51 17.47
C SER A 256 -12.27 -8.38 18.49
N GLY A 257 -12.52 -7.15 18.02
CA GLY A 257 -12.74 -6.02 18.91
C GLY A 257 -11.50 -5.27 19.36
N GLU A 258 -10.34 -5.57 18.75
CA GLU A 258 -9.07 -4.97 19.17
C GLU A 258 -9.02 -3.46 18.96
N LEU A 259 -9.91 -2.93 18.13
CA LEU A 259 -9.98 -1.50 17.89
C LEU A 259 -11.26 -0.87 18.41
N ASP A 260 -12.16 -1.68 18.97
CA ASP A 260 -13.54 -1.25 19.24
C ASP A 260 -13.61 0.05 20.04
N GLU A 261 -12.78 0.18 21.06
CA GLU A 261 -12.79 1.36 21.91
C GLU A 261 -12.37 2.66 21.19
N PHE A 262 -11.71 2.52 20.04
CA PHE A 262 -11.26 3.68 19.28
C PHE A 262 -12.17 4.02 18.12
N LEU A 263 -13.16 3.18 17.85
CA LEU A 263 -14.07 3.39 16.75
C LEU A 263 -15.04 4.49 17.07
N LEU A 264 -15.26 5.37 16.11
CA LEU A 264 -16.21 6.44 16.25
C LEU A 264 -17.46 6.08 15.46
N GLU A 265 -18.55 6.80 15.72
CA GLU A 265 -19.80 6.67 14.97
C GLU A 265 -19.58 6.59 13.46
N TYR A 266 -18.66 7.42 12.95
CA TYR A 266 -18.37 7.49 11.52
C TYR A 266 -17.79 6.18 11.04
N ASP A 267 -16.87 5.61 11.82
CA ASP A 267 -16.27 4.32 11.49
C ASP A 267 -17.29 3.20 11.46
N ARG A 268 -18.21 3.21 12.43
CA ARG A 268 -19.27 2.20 12.51
C ARG A 268 -20.19 2.27 11.29
N LEU A 269 -20.57 3.47 10.90
CA LEU A 269 -21.40 3.67 9.70
C LEU A 269 -20.68 3.21 8.44
N VAL A 270 -19.41 3.60 8.29
CA VAL A 270 -18.60 3.16 7.15
C VAL A 270 -18.59 1.64 7.06
N ASP A 271 -18.26 1.00 8.18
CA ASP A 271 -18.21 -0.44 8.25
C ASP A 271 -19.56 -1.10 7.89
N GLU A 272 -20.62 -0.56 8.47
CA GLU A 272 -21.98 -1.08 8.28
C GLU A 272 -22.43 -1.05 6.81
N SER A 273 -22.04 -0.01 6.07
CA SER A 273 -22.40 0.12 4.66
C SER A 273 -21.35 -0.48 3.71
N SER A 274 -20.31 -1.10 4.25
CA SER A 274 -19.23 -1.64 3.43
C SER A 274 -19.64 -3.00 2.85
N ALA A 275 -18.83 -3.51 1.93
CA ALA A 275 -19.05 -4.86 1.37
C ALA A 275 -18.82 -5.98 2.38
N ASN A 276 -18.05 -5.69 3.43
CA ASN A 276 -17.58 -6.69 4.38
C ASN A 276 -17.67 -6.21 5.84
N PRO A 277 -18.91 -5.92 6.30
CA PRO A 277 -19.00 -5.39 7.65
C PRO A 277 -18.39 -6.33 8.70
N GLY A 278 -17.63 -5.75 9.62
CA GLY A 278 -16.94 -6.48 10.67
C GLY A 278 -15.52 -6.85 10.34
N GLN A 279 -15.15 -6.73 9.06
CA GLN A 279 -13.84 -7.15 8.58
C GLN A 279 -13.05 -5.95 8.08
N GLN A 280 -11.73 -6.12 8.04
CA GLN A 280 -10.79 -5.08 7.62
C GLN A 280 -10.99 -3.78 8.39
N LEU A 281 -11.29 -3.90 9.67
CA LEU A 281 -11.56 -2.72 10.49
C LEU A 281 -10.34 -1.82 10.59
N TYR A 282 -9.15 -2.40 10.68
CA TYR A 282 -7.91 -1.62 10.78
C TYR A 282 -7.74 -0.83 9.50
N GLU A 283 -7.84 -1.52 8.38
CA GLU A 283 -7.73 -0.89 7.07
C GLU A 283 -8.80 0.19 6.86
N LYS A 284 -9.99 -0.03 7.41
CA LYS A 284 -11.05 0.96 7.32
C LYS A 284 -10.70 2.27 8.05
N LEU A 285 -9.83 2.22 9.06
CA LEU A 285 -9.37 3.45 9.73
C LEU A 285 -8.29 4.20 8.97
N ILE A 286 -7.60 3.53 8.03
CA ILE A 286 -6.41 4.08 7.38
C ILE A 286 -6.55 4.32 5.88
N GLY A 287 -7.16 3.37 5.18
CA GLY A 287 -7.09 3.30 3.73
C GLY A 287 -7.82 4.42 3.01
N GLY A 288 -7.30 4.76 1.82
CA GLY A 288 -7.93 5.73 0.96
C GLY A 288 -9.29 5.30 0.45
N LYS A 289 -9.61 4.01 0.53
CA LYS A 289 -10.93 3.52 0.14
C LYS A 289 -12.04 4.19 0.95
N TYR A 290 -11.81 4.40 2.23
CA TYR A 290 -12.86 4.89 3.13
C TYR A 290 -12.62 6.32 3.65
N MET A 291 -11.44 6.89 3.39
CA MET A 291 -11.06 8.15 4.01
C MET A 291 -12.03 9.29 3.67
N GLY A 292 -12.35 9.45 2.38
CA GLY A 292 -13.29 10.45 1.94
C GLY A 292 -14.67 10.28 2.54
N GLU A 293 -15.11 9.04 2.65
CA GLU A 293 -16.41 8.72 3.25
C GLU A 293 -16.42 9.12 4.72
N LEU A 294 -15.33 8.83 5.43
CA LEU A 294 -15.22 9.25 6.83
C LEU A 294 -15.37 10.77 6.93
N VAL A 295 -14.65 11.51 6.09
CA VAL A 295 -14.77 12.97 6.08
C VAL A 295 -16.21 13.40 5.81
N ARG A 296 -16.85 12.80 4.80
CA ARG A 296 -18.23 13.13 4.47
C ARG A 296 -19.15 13.03 5.69
N LEU A 297 -18.99 11.98 6.48
CA LEU A 297 -19.83 11.75 7.64
C LEU A 297 -19.53 12.76 8.75
N VAL A 298 -18.26 13.14 8.87
CA VAL A 298 -17.88 14.18 9.83
C VAL A 298 -18.55 15.51 9.46
N LEU A 299 -18.49 15.87 8.19
CA LEU A 299 -19.12 17.10 7.71
C LEU A 299 -20.62 17.08 7.96
N LEU A 300 -21.27 15.96 7.66
CA LEU A 300 -22.70 15.81 7.91
C LEU A 300 -23.07 15.99 9.38
N ARG A 301 -22.25 15.47 10.29
CA ARG A 301 -22.49 15.70 11.71
C ARG A 301 -22.36 17.19 12.05
N LEU A 302 -21.34 17.85 11.50
CA LEU A 302 -21.13 19.28 11.72
C LEU A 302 -22.28 20.09 11.13
N VAL A 303 -22.77 19.67 9.96
CA VAL A 303 -23.97 20.25 9.36
C VAL A 303 -25.17 20.04 10.29
N ASP A 304 -25.37 18.81 10.75
CA ASP A 304 -26.48 18.48 11.65
C ASP A 304 -26.45 19.29 12.95
N GLU A 305 -25.26 19.61 13.44
CA GLU A 305 -25.14 20.41 14.67
C GLU A 305 -25.11 21.92 14.38
N ASN A 306 -25.44 22.32 13.15
CA ASN A 306 -25.45 23.72 12.75
C ASN A 306 -24.11 24.41 12.92
N LEU A 307 -23.03 23.70 12.59
CA LEU A 307 -21.68 24.23 12.67
C LEU A 307 -21.03 24.42 11.32
N LEU A 308 -21.71 23.96 10.26
CA LEU A 308 -21.17 23.99 8.92
C LEU A 308 -22.31 24.21 7.93
N PHE A 309 -22.02 24.95 6.86
CA PHE A 309 -22.98 25.31 5.80
C PHE A 309 -24.34 25.76 6.33
N HIS A 310 -24.33 26.48 7.45
CA HIS A 310 -25.54 26.91 8.17
C HIS A 310 -26.60 25.79 8.32
N GLY A 311 -26.14 24.57 8.52
CA GLY A 311 -27.02 23.43 8.74
C GLY A 311 -27.75 22.91 7.51
N GLU A 312 -27.35 23.34 6.32
CA GLU A 312 -27.91 22.82 5.08
C GLU A 312 -26.83 22.10 4.26
N ALA A 313 -26.96 20.79 4.14
CA ALA A 313 -26.07 20.01 3.29
C ALA A 313 -26.70 19.83 1.92
N SER A 314 -25.86 19.75 0.89
CA SER A 314 -26.33 19.51 -0.46
C SER A 314 -26.66 18.02 -0.63
N GLU A 315 -27.49 17.72 -1.62
CA GLU A 315 -27.84 16.33 -1.94
C GLU A 315 -26.62 15.51 -2.32
N GLN A 316 -25.62 16.16 -2.91
CA GLN A 316 -24.36 15.49 -3.21
C GLN A 316 -23.60 15.12 -1.94
N LEU A 317 -23.64 15.98 -0.93
CA LEU A 317 -22.98 15.70 0.35
C LEU A 317 -23.69 14.59 1.14
N ARG A 318 -25.00 14.44 0.92
CA ARG A 318 -25.76 13.36 1.55
C ARG A 318 -25.74 12.08 0.72
N THR A 319 -24.93 12.07 -0.35
CA THR A 319 -24.75 10.90 -1.19
C THR A 319 -23.48 10.14 -0.80
N ARG A 320 -23.64 8.86 -0.53
CA ARG A 320 -22.53 7.99 -0.15
C ARG A 320 -21.44 7.97 -1.22
N GLY A 321 -20.20 8.17 -0.79
CA GLY A 321 -19.05 8.15 -1.69
C GLY A 321 -18.80 9.45 -2.45
N ALA A 322 -19.67 10.45 -2.25
CA ALA A 322 -19.55 11.71 -3.00
C ALA A 322 -18.26 12.47 -2.65
N PHE A 323 -17.90 12.46 -1.37
CA PHE A 323 -16.63 13.07 -0.95
C PHE A 323 -15.50 12.09 -1.17
N GLU A 324 -14.83 12.24 -2.31
CA GLU A 324 -13.75 11.35 -2.70
C GLU A 324 -12.54 11.58 -1.84
N THR A 325 -11.75 10.55 -1.63
CA THR A 325 -10.52 10.65 -0.84
C THR A 325 -9.55 11.65 -1.46
N ARG A 326 -9.52 11.71 -2.79
CA ARG A 326 -8.68 12.68 -3.48
C ARG A 326 -9.09 14.11 -3.09
N PHE A 327 -10.36 14.30 -2.76
CA PHE A 327 -10.83 15.60 -2.24
C PHE A 327 -10.19 15.95 -0.89
N VAL A 328 -9.87 14.93 -0.09
CA VAL A 328 -9.26 15.15 1.23
C VAL A 328 -7.85 15.71 1.07
N SER A 329 -7.03 15.01 0.28
CA SER A 329 -5.66 15.45 0.04
C SER A 329 -5.64 16.83 -0.63
N GLN A 330 -6.55 17.05 -1.57
CA GLN A 330 -6.68 18.34 -2.26
C GLN A 330 -7.08 19.47 -1.29
N VAL A 331 -8.03 19.20 -0.41
CA VAL A 331 -8.40 20.17 0.62
C VAL A 331 -7.18 20.53 1.50
N GLU A 332 -6.42 19.52 1.90
CA GLU A 332 -5.22 19.73 2.70
C GLU A 332 -4.07 20.38 1.94
N SER A 333 -4.12 20.36 0.60
CA SER A 333 -3.08 20.98 -0.23
C SER A 333 -3.26 22.50 -0.35
N ASP A 334 -4.45 22.98 -0.01
CA ASP A 334 -4.76 24.41 -0.08
C ASP A 334 -3.67 25.24 0.60
N THR A 335 -3.29 26.34 -0.03
CA THR A 335 -2.18 27.18 0.46
C THR A 335 -2.62 28.26 1.46
N GLY A 336 -3.86 28.17 1.97
CA GLY A 336 -4.42 29.21 2.84
C GLY A 336 -5.37 30.11 2.07
N ASP A 337 -5.26 30.04 0.74
CA ASP A 337 -6.10 30.79 -0.19
C ASP A 337 -7.57 30.38 -0.12
N ARG A 338 -7.83 29.15 0.32
CA ARG A 338 -9.19 28.54 0.34
C ARG A 338 -9.77 28.26 -1.06
N LYS A 339 -8.94 28.47 -2.09
CA LYS A 339 -9.36 28.27 -3.48
C LYS A 339 -9.61 26.80 -3.78
N GLN A 340 -8.68 25.95 -3.35
CA GLN A 340 -8.79 24.51 -3.57
C GLN A 340 -10.06 23.99 -2.90
N ILE A 341 -10.24 24.38 -1.63
CA ILE A 341 -11.36 23.91 -0.82
C ILE A 341 -12.69 24.42 -1.37
N TYR A 342 -12.75 25.72 -1.67
CA TYR A 342 -13.98 26.29 -2.22
C TYR A 342 -14.38 25.59 -3.51
N ASN A 343 -13.40 25.22 -4.33
CA ASN A 343 -13.67 24.56 -5.60
C ASN A 343 -14.15 23.11 -5.40
N ILE A 344 -13.58 22.41 -4.43
CA ILE A 344 -14.06 21.08 -4.05
C ILE A 344 -15.53 21.13 -3.63
N LEU A 345 -15.85 22.06 -2.74
CA LEU A 345 -17.17 22.11 -2.13
C LEU A 345 -18.22 22.67 -3.10
N SER A 346 -17.79 23.55 -4.01
CA SER A 346 -18.68 24.05 -5.06
C SER A 346 -19.12 22.93 -6.01
N THR A 347 -18.21 22.01 -6.32
CA THR A 347 -18.55 20.81 -7.09
C THR A 347 -19.65 20.00 -6.40
N LEU A 348 -19.61 19.95 -5.07
CA LEU A 348 -20.61 19.23 -4.28
C LEU A 348 -21.88 20.05 -4.05
N GLY A 349 -22.08 21.10 -4.86
CA GLY A 349 -23.29 21.90 -4.77
C GLY A 349 -23.41 22.74 -3.52
N LEU A 350 -22.27 23.03 -2.89
CA LEU A 350 -22.24 23.82 -1.66
C LEU A 350 -21.74 25.23 -1.98
N ARG A 351 -22.18 26.19 -1.19
CA ARG A 351 -21.72 27.58 -1.33
C ARG A 351 -21.08 27.95 0.01
N PRO A 352 -19.83 27.50 0.22
CA PRO A 352 -19.23 27.64 1.55
C PRO A 352 -18.67 29.02 1.82
N SER A 353 -18.87 29.49 3.05
CA SER A 353 -18.17 30.66 3.53
C SER A 353 -16.70 30.32 3.79
N THR A 354 -15.90 31.35 4.02
CA THR A 354 -14.51 31.18 4.45
C THR A 354 -14.40 30.25 5.66
N THR A 355 -15.29 30.45 6.63
CA THR A 355 -15.29 29.65 7.84
C THR A 355 -15.63 28.19 7.54
N ASP A 356 -16.59 27.97 6.64
CA ASP A 356 -16.93 26.61 6.18
C ASP A 356 -15.69 25.89 5.62
N CYS A 357 -14.96 26.57 4.75
CA CYS A 357 -13.75 26.01 4.14
C CYS A 357 -12.68 25.64 5.17
N ASP A 358 -12.49 26.52 6.16
CA ASP A 358 -11.51 26.29 7.22
C ASP A 358 -11.91 25.08 8.06
N ILE A 359 -13.18 24.95 8.40
CA ILE A 359 -13.68 23.82 9.17
C ILE A 359 -13.51 22.52 8.37
N VAL A 360 -13.81 22.58 7.08
CA VAL A 360 -13.67 21.40 6.22
C VAL A 360 -12.22 20.92 6.19
N ARG A 361 -11.29 21.86 6.07
CA ARG A 361 -9.88 21.50 6.11
C ARG A 361 -9.53 20.77 7.41
N ARG A 362 -10.01 21.30 8.54
CA ARG A 362 -9.67 20.72 9.83
C ARG A 362 -10.32 19.35 10.02
N ALA A 363 -11.51 19.15 9.46
CA ALA A 363 -12.14 17.84 9.38
C ALA A 363 -11.27 16.86 8.61
N CYS A 364 -10.74 17.31 7.47
CA CYS A 364 -9.86 16.47 6.65
C CYS A 364 -8.58 16.12 7.43
N GLU A 365 -7.98 17.15 8.02
CA GLU A 365 -6.80 16.97 8.90
C GLU A 365 -7.03 15.93 9.98
N SER A 366 -8.15 16.06 10.68
CA SER A 366 -8.51 15.18 11.78
C SER A 366 -8.59 13.73 11.34
N VAL A 367 -9.23 13.47 10.21
CA VAL A 367 -9.39 12.11 9.71
C VAL A 367 -8.05 11.55 9.20
N SER A 368 -7.32 12.35 8.42
CA SER A 368 -6.04 11.91 7.85
C SER A 368 -4.97 11.70 8.92
N THR A 369 -4.92 12.56 9.93
CA THR A 369 -3.97 12.42 11.04
C THR A 369 -4.25 11.15 11.84
N ARG A 370 -5.52 10.84 12.03
CA ARG A 370 -5.90 9.62 12.72
C ARG A 370 -5.43 8.39 11.97
N ALA A 371 -5.60 8.41 10.64
CA ALA A 371 -5.08 7.36 9.78
C ALA A 371 -3.58 7.18 9.96
N ALA A 372 -2.85 8.30 9.97
CA ALA A 372 -1.40 8.25 10.16
C ALA A 372 -1.03 7.71 11.53
N HIS A 373 -1.80 8.09 12.54
CA HIS A 373 -1.58 7.59 13.89
C HIS A 373 -1.81 6.09 13.96
N MET A 374 -2.95 5.64 13.45
CA MET A 374 -3.29 4.22 13.47
C MET A 374 -2.27 3.39 12.70
N CYS A 375 -1.91 3.89 11.52
CA CYS A 375 -0.89 3.26 10.70
C CYS A 375 0.46 3.15 11.43
N SER A 376 0.85 4.23 12.11
CA SER A 376 2.12 4.24 12.84
C SER A 376 2.17 3.20 13.95
N ALA A 377 1.05 2.96 14.61
CA ALA A 377 0.99 1.95 15.67
C ALA A 377 1.29 0.56 15.12
N GLY A 378 0.78 0.28 13.92
CA GLY A 378 1.05 -0.99 13.26
C GLY A 378 2.52 -1.13 12.90
N LEU A 379 3.05 -0.13 12.21
CA LEU A 379 4.44 -0.18 11.77
C LEU A 379 5.38 -0.19 12.95
N ALA A 380 5.06 0.63 13.96
CA ALA A 380 5.82 0.63 15.20
C ALA A 380 5.81 -0.75 15.86
N GLY A 381 4.67 -1.43 15.82
CA GLY A 381 4.58 -2.80 16.34
C GLY A 381 5.54 -3.73 15.64
N VAL A 382 5.60 -3.64 14.31
CA VAL A 382 6.51 -4.46 13.50
C VAL A 382 7.96 -4.12 13.83
N ILE A 383 8.28 -2.82 13.84
CA ILE A 383 9.66 -2.39 14.02
C ILE A 383 10.18 -2.78 15.40
N ASN A 384 9.37 -2.58 16.44
CA ASN A 384 9.77 -2.95 17.78
C ASN A 384 9.88 -4.47 17.96
N ARG A 385 9.03 -5.22 17.26
CA ARG A 385 9.15 -6.67 17.24
C ARG A 385 10.51 -7.09 16.64
N MET A 386 10.85 -6.51 15.50
CA MET A 386 12.13 -6.79 14.84
C MET A 386 13.33 -6.45 15.73
N ARG A 387 13.28 -5.29 16.38
CA ARG A 387 14.35 -4.88 17.30
C ARG A 387 14.55 -5.90 18.41
N GLU A 388 13.45 -6.43 18.96
CA GLU A 388 13.50 -7.44 20.01
C GLU A 388 13.96 -8.80 19.50
N SER A 389 13.42 -9.20 18.34
CA SER A 389 13.76 -10.48 17.71
C SER A 389 15.23 -10.59 17.30
N ARG A 390 15.86 -9.46 16.99
CA ARG A 390 17.26 -9.45 16.56
C ARG A 390 18.23 -9.18 17.71
N SER A 391 17.70 -9.07 18.94
CA SER A 391 18.51 -8.77 20.12
C SER A 391 19.44 -7.58 19.90
N GLU A 392 18.90 -6.54 19.27
CA GLU A 392 19.66 -5.32 19.01
C GLU A 392 19.26 -4.22 19.97
N ASP A 393 20.25 -3.62 20.63
CA ASP A 393 20.02 -2.51 21.55
C ASP A 393 19.53 -1.29 20.80
N VAL A 394 20.20 -0.97 19.70
CA VAL A 394 19.80 0.12 18.82
C VAL A 394 19.65 -0.43 17.40
N MET A 395 18.43 -0.43 16.86
CA MET A 395 18.20 -0.97 15.53
C MET A 395 18.17 0.11 14.46
N ARG A 396 18.94 -0.12 13.40
CA ARG A 396 19.02 0.78 12.25
C ARG A 396 18.33 0.08 11.08
N ILE A 397 17.28 0.70 10.54
CA ILE A 397 16.45 0.02 9.55
C ILE A 397 15.76 0.98 8.58
N THR A 398 15.68 0.55 7.32
CA THR A 398 14.97 1.31 6.31
C THR A 398 13.63 0.66 6.00
N VAL A 399 12.62 1.50 5.80
CA VAL A 399 11.28 1.07 5.50
C VAL A 399 10.94 1.66 4.13
N GLY A 400 10.52 0.80 3.21
CA GLY A 400 10.15 1.21 1.87
C GLY A 400 8.66 1.39 1.84
N VAL A 401 8.18 2.52 1.31
CA VAL A 401 6.77 2.82 1.36
C VAL A 401 6.24 3.26 0.00
N ASP A 402 5.04 2.80 -0.33
CA ASP A 402 4.34 3.24 -1.53
C ASP A 402 2.86 3.41 -1.22
N GLY A 403 2.08 3.86 -2.20
CA GLY A 403 0.63 4.01 -2.08
C GLY A 403 0.19 5.48 -2.18
N SER A 404 -1.01 5.69 -2.67
CA SER A 404 -1.53 7.04 -2.96
C SER A 404 -1.61 7.94 -1.73
N VAL A 405 -2.07 7.41 -0.61
CA VAL A 405 -2.17 8.20 0.62
C VAL A 405 -0.80 8.68 1.07
N TYR A 406 0.14 7.76 1.21
CA TYR A 406 1.48 8.09 1.69
C TYR A 406 2.20 9.08 0.78
N LYS A 407 2.02 8.94 -0.53
CA LYS A 407 2.74 9.76 -1.49
C LYS A 407 2.05 11.09 -1.79
N LEU A 408 0.75 11.04 -2.04
CA LEU A 408 0.03 12.23 -2.52
C LEU A 408 -0.58 13.08 -1.43
N HIS A 409 -0.91 12.50 -0.29
CA HIS A 409 -1.56 13.26 0.76
C HIS A 409 -0.57 14.23 1.44
N PRO A 410 -0.85 15.54 1.39
CA PRO A 410 0.11 16.48 1.94
C PRO A 410 0.27 16.25 3.44
N SER A 411 1.52 16.19 3.89
CA SER A 411 1.86 16.05 5.31
C SER A 411 1.53 14.70 5.95
N PHE A 412 0.85 13.79 5.24
CA PHE A 412 0.53 12.50 5.82
C PHE A 412 1.79 11.75 6.21
N LYS A 413 2.72 11.62 5.28
CA LYS A 413 3.93 10.85 5.58
C LYS A 413 4.75 11.50 6.68
N GLU A 414 4.77 12.83 6.73
CA GLU A 414 5.49 13.53 7.80
C GLU A 414 4.86 13.24 9.17
N ARG A 415 3.54 13.28 9.23
CA ARG A 415 2.83 12.98 10.47
C ARG A 415 3.01 11.52 10.85
N PHE A 416 2.92 10.65 9.84
CA PHE A 416 3.16 9.23 10.00
C PHE A 416 4.58 8.96 10.51
N HIS A 417 5.57 9.56 9.85
CA HIS A 417 6.97 9.40 10.26
C HIS A 417 7.17 9.77 11.71
N ALA A 418 6.73 10.96 12.08
CA ALA A 418 6.94 11.50 13.43
C ALA A 418 6.30 10.60 14.48
N SER A 419 5.13 10.07 14.17
CA SER A 419 4.41 9.19 15.08
C SER A 419 5.11 7.83 15.23
N VAL A 420 5.54 7.25 14.13
CA VAL A 420 6.26 5.97 14.16
C VAL A 420 7.52 6.11 15.01
N ARG A 421 8.27 7.17 14.77
CA ARG A 421 9.53 7.39 15.48
C ARG A 421 9.28 7.58 16.97
N ARG A 422 8.20 8.30 17.31
CA ARG A 422 7.82 8.48 18.71
C ARG A 422 7.55 7.13 19.40
N LEU A 423 7.01 6.16 18.66
CA LEU A 423 6.69 4.85 19.23
C LEU A 423 7.83 3.84 19.14
N THR A 424 8.97 4.24 18.60
CA THR A 424 10.08 3.32 18.38
C THR A 424 11.41 3.82 18.92
N PRO A 425 11.50 4.02 20.24
CA PRO A 425 12.79 4.36 20.84
C PRO A 425 13.84 3.26 20.62
N SER A 426 15.10 3.66 20.52
CA SER A 426 16.20 2.75 20.18
C SER A 426 16.16 2.25 18.73
N CYS A 427 15.31 2.85 17.91
CA CYS A 427 15.29 2.55 16.49
C CYS A 427 15.58 3.81 15.69
N GLU A 428 16.46 3.69 14.71
CA GLU A 428 16.75 4.77 13.78
C GLU A 428 16.16 4.34 12.44
N ILE A 429 15.05 4.97 12.07
CA ILE A 429 14.27 4.51 10.93
C ILE A 429 14.42 5.49 9.78
N THR A 430 14.75 4.94 8.61
CA THR A 430 14.79 5.71 7.39
C THR A 430 13.63 5.25 6.53
N PHE A 431 12.86 6.20 6.01
CA PHE A 431 11.77 5.89 5.12
C PHE A 431 12.21 6.25 3.71
N ILE A 432 12.02 5.33 2.78
CA ILE A 432 12.33 5.61 1.38
C ILE A 432 11.17 5.22 0.49
N GLU A 433 11.02 5.97 -0.60
CA GLU A 433 10.14 5.61 -1.69
C GLU A 433 11.06 5.24 -2.83
N SER A 434 10.76 4.12 -3.49
CA SER A 434 11.60 3.67 -4.60
C SER A 434 11.53 4.65 -5.75
N GLU A 435 12.67 4.88 -6.40
CA GLU A 435 12.71 5.68 -7.61
C GLU A 435 12.70 4.74 -8.82
N GLU A 436 11.91 5.11 -9.82
CA GLU A 436 11.90 4.43 -11.11
C GLU A 436 13.33 4.14 -11.57
N GLY A 437 14.16 5.19 -11.54
CA GLY A 437 15.53 5.12 -12.03
C GLY A 437 15.53 4.59 -13.45
N SER A 438 16.28 3.53 -13.68
CA SER A 438 16.35 2.88 -14.98
C SER A 438 15.55 1.59 -15.00
N GLY A 439 14.70 1.39 -13.99
CA GLY A 439 13.86 0.21 -13.90
C GLY A 439 14.50 -0.99 -13.24
N ARG A 440 15.68 -0.81 -12.63
CA ARG A 440 16.41 -1.96 -12.07
C ARG A 440 15.83 -2.46 -10.74
N GLY A 441 15.30 -1.54 -9.93
CA GLY A 441 14.60 -1.94 -8.72
C GLY A 441 13.41 -2.82 -9.05
N ALA A 442 12.67 -2.42 -10.09
CA ALA A 442 11.54 -3.21 -10.59
C ALA A 442 12.01 -4.55 -11.17
N ALA A 443 13.14 -4.55 -11.87
CA ALA A 443 13.67 -5.78 -12.44
C ALA A 443 14.04 -6.76 -11.35
N LEU A 444 14.53 -6.24 -10.23
CA LEU A 444 14.86 -7.06 -9.08
C LEU A 444 13.61 -7.69 -8.47
N VAL A 445 12.49 -6.97 -8.47
CA VAL A 445 11.23 -7.56 -7.99
C VAL A 445 10.89 -8.78 -8.84
N SER A 446 11.04 -8.66 -10.15
CA SER A 446 10.77 -9.78 -11.04
C SER A 446 11.81 -10.90 -10.86
N ALA A 447 13.05 -10.52 -10.59
CA ALA A 447 14.10 -11.48 -10.27
C ALA A 447 13.68 -12.37 -9.11
N VAL A 448 13.29 -11.75 -8.01
CA VAL A 448 12.87 -12.50 -6.83
C VAL A 448 11.63 -13.33 -7.11
N ALA A 449 10.65 -12.75 -7.80
CA ALA A 449 9.42 -13.45 -8.16
C ALA A 449 9.71 -14.71 -8.99
N CYS A 450 10.61 -14.59 -9.95
CA CYS A 450 11.01 -15.72 -10.78
C CYS A 450 11.80 -16.75 -9.99
N LYS A 451 12.71 -16.29 -9.13
CA LYS A 451 13.52 -17.20 -8.34
C LYS A 451 12.66 -17.92 -7.31
N LYS A 452 11.68 -17.21 -6.73
CA LYS A 452 10.74 -17.84 -5.81
C LYS A 452 9.95 -18.96 -6.51
N ALA A 453 9.37 -18.63 -7.66
CA ALA A 453 8.60 -19.60 -8.44
C ALA A 453 9.42 -20.84 -8.74
N CYS A 454 10.67 -20.63 -9.18
CA CYS A 454 11.62 -21.72 -9.40
C CYS A 454 11.83 -22.55 -8.13
N MET A 455 12.10 -21.87 -7.03
CA MET A 455 12.33 -22.53 -5.74
C MET A 455 11.14 -23.39 -5.31
N LEU A 456 9.92 -22.93 -5.61
CA LEU A 456 8.71 -23.66 -5.24
C LEU A 456 8.28 -24.71 -6.27
N GLY A 457 9.10 -24.96 -7.28
CA GLY A 457 8.75 -25.89 -8.35
C GLY A 457 7.61 -25.36 -9.19
N GLN A 458 7.60 -24.05 -9.39
CA GLN A 458 6.53 -23.31 -10.09
C GLN A 458 5.23 -23.33 -9.30
C1 GLC B . -5.12 -4.92 0.84
C2 GLC B . -4.62 -6.25 0.33
C3 GLC B . -3.12 -6.40 0.55
C4 GLC B . -2.36 -5.23 -0.05
C5 GLC B . -2.92 -3.92 0.50
C6 GLC B . -2.28 -2.71 -0.17
O1 GLC B . -5.05 -4.97 2.26
O2 GLC B . -5.29 -7.28 1.03
O3 GLC B . -2.68 -7.61 -0.02
O4 GLC B . -0.98 -5.39 0.26
O5 GLC B . -4.33 -3.84 0.31
O6 GLC B . -2.61 -2.65 -1.55
O28 1FX C . 16.83 -9.75 -3.24
C27 1FX C . 17.84 -10.26 -2.71
C29 1FX C . 19.18 -9.70 -2.99
C30 1FX C . 19.35 -8.62 -3.84
C5 1FX C . 20.35 -10.33 -2.34
N6 1FX C . 20.17 -11.36 -1.51
C4 1FX C . 21.62 -9.81 -2.61
C3 1FX C . 21.75 -8.72 -3.48
C2 1FX C . 20.62 -8.13 -4.08
F1 1FX C . 20.76 -7.08 -4.90
N10 1FX C . 17.77 -11.35 -1.82
C8 1FX C . 18.95 -11.87 -1.25
O9 1FX C . 18.84 -12.84 -0.47
C11 1FX C . 16.48 -11.96 -1.46
C19 1FX C . 16.04 -13.02 -2.43
N21 1FX C . 15.49 -14.11 -1.85
C22 1FX C . 14.89 -15.09 -2.54
N23 1FX C . 14.14 -15.92 -1.97
C24 1FX C . 13.61 -16.79 -2.74
C25 1FX C . 13.94 -16.63 -4.02
S26 1FX C . 14.96 -15.35 -4.19
O20 1FX C . 16.15 -12.85 -3.62
C12 1FX C . 15.39 -10.90 -1.32
C13 1FX C . 15.75 -9.73 -0.38
C14 1FX C . 14.53 -8.82 -0.33
C15 1FX C . 14.81 -7.59 0.52
C16 1FX C . 15.15 -8.02 1.95
C17 1FX C . 16.35 -8.97 1.97
C18 1FX C . 16.14 -10.15 1.03
I IOD D . 4.32 -12.73 -1.80
#